data_5DI1
#
_entry.id   5DI1
#
_cell.length_a   80.600
_cell.length_b   91.740
_cell.length_c   96.620
_cell.angle_alpha   90.00
_cell.angle_beta   90.00
_cell.angle_gamma   90.00
#
_symmetry.space_group_name_H-M   'P 21 21 21'
#
loop_
_entity.id
_entity.type
_entity.pdbx_description
1 polymer 'Mitogen-activated protein kinase kinase kinase kinase 4'
2 non-polymer 4-{6-amino-5-[4-(methylsulfonyl)phenyl]pyridin-3-yl}phenol
3 water water
#
_entity_poly.entity_id   1
_entity_poly.type   'polypeptide(L)'
_entity_poly.pdbx_seq_one_letter_code
;MANDSPAKSLVDIDLSSLRDPAGIFELVEVVGNGTYGQVYKGRHVKTGQLAAIKVMDVTEDEEEEIKLEINMLKKYSHHR
NIATYYGAFIKKSPPGHDDQLWLVMEFCGAGSITDLVKNTKGNTLKEDWIAYISREILRGLAHLHIHHVIHRDIKGQNVL
LTENAEVKLVDFGVSAQLDRTVGRRNTFIGTPYWMAPEVIACDENPDATYDYRSDLWSCGITAIEMAEGAPPLCDMHPMR
ALFLIPRNPPPRLKSKKWSKKFFSFIEGCLVKNYMQRPSTEQLLKHPFIRDQPNERQVRIQLKDHIDRTR
;
_entity_poly.pdbx_strand_id   A,B
#
loop_
_chem_comp.id
_chem_comp.type
_chem_comp.name
_chem_comp.formula
5DF non-polymer 4-{6-amino-5-[4-(methylsulfonyl)phenyl]pyridin-3-yl}phenol 'C18 H16 N2 O3 S'
#
# COMPACT_ATOMS: atom_id res chain seq x y z
N ILE A 13 -16.39 -7.79 25.32
CA ILE A 13 -16.42 -6.37 24.97
C ILE A 13 -15.32 -5.52 25.72
N ASP A 14 -14.08 -6.11 25.83
CA ASP A 14 -12.86 -5.53 26.46
C ASP A 14 -11.59 -6.29 26.12
N LEU A 15 -10.50 -5.55 25.82
CA LEU A 15 -9.17 -6.08 25.43
C LEU A 15 -8.40 -6.81 26.57
N SER A 16 -8.89 -6.72 27.83
CA SER A 16 -8.28 -7.34 29.01
C SER A 16 -8.50 -8.86 29.04
N SER A 17 -9.69 -9.36 28.61
CA SER A 17 -10.04 -10.79 28.55
C SER A 17 -9.19 -11.57 27.53
N LEU A 18 -8.68 -10.86 26.48
CA LEU A 18 -7.86 -11.37 25.38
C LEU A 18 -6.57 -12.04 25.85
N ARG A 19 -6.52 -13.35 25.67
CA ARG A 19 -5.40 -14.18 26.10
C ARG A 19 -4.17 -13.97 25.23
N ASP A 20 -2.99 -14.36 25.75
CA ASP A 20 -1.74 -14.40 24.98
C ASP A 20 -1.94 -15.62 24.06
N PRO A 21 -1.72 -15.51 22.74
CA PRO A 21 -1.95 -16.65 21.83
C PRO A 21 -1.02 -17.86 21.99
N ALA A 22 -0.02 -17.78 22.87
CA ALA A 22 0.98 -18.79 23.15
C ALA A 22 0.70 -20.29 22.85
N GLY A 23 0.04 -21.06 23.70
CA GLY A 23 -0.16 -22.47 23.34
C GLY A 23 -1.47 -22.72 22.64
N ILE A 24 -2.03 -21.67 22.02
CA ILE A 24 -3.34 -21.66 21.36
C ILE A 24 -3.15 -21.63 19.87
N PHE A 25 -2.44 -20.61 19.34
CA PHE A 25 -2.16 -20.48 17.91
C PHE A 25 -0.69 -20.30 17.58
N GLU A 26 -0.28 -20.91 16.47
CA GLU A 26 1.06 -20.86 15.89
C GLU A 26 0.95 -20.17 14.56
N LEU A 27 1.95 -19.36 14.17
CA LEU A 27 1.90 -18.74 12.84
C LEU A 27 2.72 -19.61 11.90
N VAL A 28 2.09 -20.20 10.87
CA VAL A 28 2.84 -21.05 9.94
C VAL A 28 3.63 -20.22 8.91
N GLU A 29 2.91 -19.51 8.01
CA GLU A 29 3.55 -18.74 6.95
C GLU A 29 2.65 -17.63 6.52
N VAL A 30 3.20 -16.58 5.86
CA VAL A 30 2.37 -15.46 5.40
C VAL A 30 1.54 -15.94 4.23
N VAL A 31 0.23 -15.74 4.34
CA VAL A 31 -0.77 -16.13 3.36
C VAL A 31 -0.74 -15.30 2.08
N GLY A 32 -0.89 -16.01 0.95
CA GLY A 32 -0.81 -15.44 -0.39
C GLY A 32 0.63 -15.00 -0.61
N ASN A 33 0.80 -13.77 -1.05
CA ASN A 33 2.14 -13.19 -1.17
C ASN A 33 2.15 -12.28 0.06
N GLY A 34 1.86 -11.00 -0.14
CA GLY A 34 1.75 -10.02 0.92
C GLY A 34 0.56 -9.18 0.57
N THR A 35 -0.34 -9.80 -0.21
CA THR A 35 -1.56 -9.22 -0.76
C THR A 35 -2.41 -8.60 0.33
N TYR A 36 -2.60 -9.35 1.43
CA TYR A 36 -3.42 -9.04 2.60
C TYR A 36 -2.62 -8.37 3.75
N GLY A 37 -1.31 -8.26 3.59
CA GLY A 37 -0.44 -7.66 4.58
C GLY A 37 0.07 -8.74 5.51
N GLN A 38 -0.10 -8.52 6.81
CA GLN A 38 0.36 -9.44 7.84
C GLN A 38 -0.71 -10.47 8.23
N VAL A 39 -1.26 -11.12 7.21
CA VAL A 39 -2.24 -12.18 7.36
C VAL A 39 -1.47 -13.48 7.14
N TYR A 40 -1.49 -14.36 8.16
CA TYR A 40 -0.78 -15.63 8.21
C TYR A 40 -1.69 -16.81 8.21
N LYS A 41 -1.15 -17.95 7.72
CA LYS A 41 -1.81 -19.23 7.79
C LYS A 41 -1.43 -19.64 9.20
N GLY A 42 -2.43 -19.73 10.07
CA GLY A 42 -2.26 -20.11 11.46
C GLY A 42 -2.72 -21.54 11.69
N ARG A 43 -2.21 -22.13 12.77
CA ARG A 43 -2.51 -23.48 13.21
C ARG A 43 -3.06 -23.41 14.65
N HIS A 44 -4.19 -24.10 14.94
CA HIS A 44 -4.71 -24.23 16.31
C HIS A 44 -3.84 -25.31 16.94
N VAL A 45 -2.91 -24.96 17.84
CA VAL A 45 -1.99 -25.93 18.49
C VAL A 45 -2.63 -27.29 18.83
N LYS A 46 -3.63 -27.25 19.70
CA LYS A 46 -4.32 -28.44 20.21
C LYS A 46 -4.87 -29.38 19.15
N THR A 47 -5.65 -28.84 18.18
CA THR A 47 -6.34 -29.64 17.16
C THR A 47 -5.57 -29.85 15.89
N GLY A 48 -4.66 -28.95 15.58
CA GLY A 48 -3.91 -28.94 14.34
C GLY A 48 -4.67 -28.20 13.27
N GLN A 49 -5.93 -27.81 13.58
CA GLN A 49 -6.85 -27.07 12.71
C GLN A 49 -6.28 -25.76 12.21
N LEU A 50 -6.59 -25.44 10.95
CA LEU A 50 -6.09 -24.23 10.35
C LEU A 50 -6.99 -23.03 10.55
N ALA A 51 -6.37 -21.87 10.78
CA ALA A 51 -7.04 -20.58 10.90
C ALA A 51 -6.26 -19.47 10.13
N ALA A 52 -6.91 -18.37 9.75
CA ALA A 52 -6.21 -17.26 9.13
C ALA A 52 -6.03 -16.24 10.24
N ILE A 53 -4.77 -15.88 10.51
CA ILE A 53 -4.46 -14.95 11.60
C ILE A 53 -3.98 -13.61 11.07
N LYS A 54 -4.73 -12.53 11.38
CA LYS A 54 -4.39 -11.16 10.99
C LYS A 54 -3.69 -10.51 12.18
N VAL A 55 -2.42 -10.16 11.97
CA VAL A 55 -1.56 -9.54 12.99
C VAL A 55 -1.51 -8.03 12.76
N MET A 56 -1.50 -7.25 13.86
CA MET A 56 -1.40 -5.79 13.84
C MET A 56 -0.82 -5.21 15.12
N ASP A 57 0.03 -4.18 14.98
CA ASP A 57 0.64 -3.49 16.12
C ASP A 57 -0.42 -2.59 16.73
N VAL A 58 -0.56 -2.65 18.07
CA VAL A 58 -1.59 -1.88 18.77
C VAL A 58 -1.04 -1.01 19.90
N THR A 59 -1.38 0.28 19.84
CA THR A 59 -1.01 1.31 20.82
C THR A 59 -2.17 1.55 21.85
N GLU A 60 -1.97 2.49 22.79
CA GLU A 60 -2.97 2.86 23.83
C GLU A 60 -4.16 3.64 23.25
N ASP A 61 -3.95 4.30 22.09
CA ASP A 61 -4.95 5.07 21.35
C ASP A 61 -5.78 4.16 20.42
N GLU A 62 -5.14 3.12 19.82
CA GLU A 62 -5.76 2.15 18.90
C GLU A 62 -6.75 1.22 19.60
N GLU A 63 -6.70 1.15 20.95
CA GLU A 63 -7.53 0.33 21.84
C GLU A 63 -9.05 0.40 21.58
N GLU A 64 -9.61 1.60 21.34
CA GLU A 64 -11.06 1.77 21.09
C GLU A 64 -11.52 1.62 19.62
N GLU A 65 -10.61 1.85 18.64
CA GLU A 65 -10.89 1.68 17.20
C GLU A 65 -10.85 0.17 16.83
N ILE A 66 -10.10 -0.60 17.63
CA ILE A 66 -9.94 -2.04 17.47
C ILE A 66 -11.08 -2.85 18.11
N LYS A 67 -11.64 -2.38 19.26
CA LYS A 67 -12.78 -3.01 19.95
C LYS A 67 -13.99 -3.17 19.01
N LEU A 68 -14.13 -2.25 18.03
CA LEU A 68 -15.19 -2.26 17.02
C LEU A 68 -14.85 -3.24 15.89
N GLU A 69 -13.58 -3.25 15.40
CA GLU A 69 -13.10 -4.17 14.36
C GLU A 69 -13.46 -5.64 14.70
N ILE A 70 -13.23 -6.03 15.97
CA ILE A 70 -13.50 -7.35 16.57
C ILE A 70 -15.03 -7.61 16.61
N ASN A 71 -15.82 -6.61 17.09
CA ASN A 71 -17.27 -6.64 17.20
C ASN A 71 -17.93 -6.73 15.82
N MET A 72 -17.30 -6.14 14.78
CA MET A 72 -17.75 -6.18 13.39
C MET A 72 -17.69 -7.62 12.91
N LEU A 73 -16.49 -8.24 13.01
CA LEU A 73 -16.28 -9.65 12.69
C LEU A 73 -17.15 -10.58 13.56
N LYS A 74 -17.33 -10.27 14.87
CA LYS A 74 -18.18 -11.04 15.79
C LYS A 74 -19.65 -11.09 15.29
N LYS A 75 -20.25 -9.91 15.03
CA LYS A 75 -21.65 -9.77 14.60
C LYS A 75 -21.89 -10.26 13.17
N TYR A 76 -21.27 -9.60 12.20
CA TYR A 76 -21.46 -9.81 10.79
C TYR A 76 -20.88 -11.06 10.15
N SER A 77 -19.75 -11.56 10.65
CA SER A 77 -19.13 -12.76 10.08
C SER A 77 -19.81 -14.11 10.41
N HIS A 78 -21.04 -14.08 10.95
CA HIS A 78 -21.74 -15.34 11.21
C HIS A 78 -22.85 -15.68 10.21
N HIS A 79 -22.44 -15.71 8.92
CA HIS A 79 -23.15 -16.03 7.68
C HIS A 79 -22.20 -16.93 6.86
N ARG A 80 -22.76 -17.83 6.00
CA ARG A 80 -22.03 -18.82 5.22
C ARG A 80 -21.16 -18.26 4.08
N ASN A 81 -21.47 -17.02 3.63
CA ASN A 81 -20.75 -16.37 2.55
C ASN A 81 -19.73 -15.37 3.10
N ILE A 82 -19.51 -15.39 4.45
CA ILE A 82 -18.53 -14.59 5.20
C ILE A 82 -17.62 -15.51 6.07
N ALA A 83 -16.28 -15.38 5.88
CA ALA A 83 -15.24 -16.14 6.61
C ALA A 83 -15.43 -15.90 8.10
N THR A 84 -15.81 -16.98 8.82
CA THR A 84 -16.16 -17.01 10.24
C THR A 84 -15.09 -16.44 11.19
N TYR A 85 -15.52 -15.63 12.18
CA TYR A 85 -14.64 -15.11 13.23
C TYR A 85 -14.43 -16.25 14.25
N TYR A 86 -13.18 -16.44 14.70
CA TYR A 86 -12.88 -17.45 15.72
C TYR A 86 -12.62 -16.81 17.08
N GLY A 87 -11.75 -15.79 17.12
CA GLY A 87 -11.36 -15.10 18.36
C GLY A 87 -10.25 -14.10 18.15
N ALA A 88 -9.89 -13.37 19.25
CA ALA A 88 -8.85 -12.33 19.28
C ALA A 88 -7.84 -12.54 20.40
N PHE A 89 -6.57 -12.20 20.15
CA PHE A 89 -5.48 -12.38 21.10
C PHE A 89 -4.49 -11.22 21.12
N ILE A 90 -3.94 -10.92 22.29
CA ILE A 90 -2.90 -9.90 22.37
C ILE A 90 -1.56 -10.55 22.74
N LYS A 91 -0.55 -10.32 21.91
CA LYS A 91 0.81 -10.77 22.17
C LYS A 91 1.52 -9.54 22.79
N LYS A 92 1.50 -9.45 24.13
CA LYS A 92 2.08 -8.35 24.89
C LYS A 92 3.60 -8.19 24.68
N SER A 93 4.06 -6.93 24.83
CA SER A 93 5.46 -6.50 24.68
C SER A 93 5.87 -5.64 25.92
N PRO A 94 7.19 -5.39 26.21
CA PRO A 94 7.55 -4.59 27.40
C PRO A 94 6.95 -3.17 27.46
N PRO A 95 6.96 -2.45 28.64
CA PRO A 95 6.34 -1.10 28.72
C PRO A 95 6.77 -0.03 27.70
N GLY A 96 7.81 -0.33 26.92
CA GLY A 96 8.31 0.52 25.85
C GLY A 96 7.75 0.15 24.48
N HIS A 97 6.49 -0.38 24.46
CA HIS A 97 5.67 -0.81 23.31
C HIS A 97 6.29 -1.89 22.36
N ASP A 98 5.54 -2.52 21.40
CA ASP A 98 4.13 -2.34 21.02
C ASP A 98 3.43 -3.71 20.94
N ASP A 99 2.25 -3.84 21.57
CA ASP A 99 1.47 -5.09 21.61
C ASP A 99 0.91 -5.53 20.26
N GLN A 100 0.98 -6.83 19.95
CA GLN A 100 0.42 -7.42 18.72
C GLN A 100 -1.02 -7.90 18.96
N LEU A 101 -1.93 -7.63 18.03
CA LEU A 101 -3.31 -8.11 18.12
C LEU A 101 -3.57 -9.09 16.98
N TRP A 102 -3.99 -10.30 17.34
CA TRP A 102 -4.24 -11.37 16.40
C TRP A 102 -5.72 -11.58 16.23
N LEU A 103 -6.22 -11.47 15.00
CA LEU A 103 -7.63 -11.68 14.72
C LEU A 103 -7.75 -12.99 14.00
N VAL A 104 -8.24 -13.98 14.70
CA VAL A 104 -8.35 -15.32 14.21
C VAL A 104 -9.68 -15.56 13.55
N MET A 105 -9.60 -16.02 12.31
CA MET A 105 -10.74 -16.33 11.49
C MET A 105 -10.50 -17.60 10.71
N GLU A 106 -11.56 -18.01 10.01
CA GLU A 106 -11.63 -19.17 9.17
C GLU A 106 -10.57 -19.12 8.09
N PHE A 107 -9.83 -20.21 7.94
CA PHE A 107 -8.83 -20.29 6.90
C PHE A 107 -9.48 -20.89 5.64
N CYS A 108 -9.69 -20.07 4.61
CA CYS A 108 -10.28 -20.53 3.35
C CYS A 108 -9.11 -21.01 2.48
N GLY A 109 -8.76 -22.28 2.65
CA GLY A 109 -7.62 -22.98 2.05
C GLY A 109 -7.54 -23.05 0.55
N ALA A 110 -8.68 -22.96 -0.20
CA ALA A 110 -8.68 -23.00 -1.68
C ALA A 110 -8.21 -21.70 -2.34
N GLY A 111 -7.84 -20.73 -1.50
CA GLY A 111 -7.34 -19.41 -1.87
C GLY A 111 -8.43 -18.45 -2.24
N SER A 112 -8.12 -17.52 -3.16
CA SER A 112 -9.03 -16.47 -3.62
C SER A 112 -9.49 -16.72 -5.05
N ILE A 113 -10.45 -15.91 -5.52
CA ILE A 113 -10.98 -15.98 -6.87
C ILE A 113 -9.89 -15.60 -7.87
N THR A 114 -8.96 -14.71 -7.46
CA THR A 114 -7.80 -14.30 -8.25
C THR A 114 -6.98 -15.57 -8.54
N ASP A 115 -6.71 -16.38 -7.49
CA ASP A 115 -5.97 -17.63 -7.60
C ASP A 115 -6.66 -18.54 -8.61
N LEU A 116 -8.00 -18.63 -8.53
CA LEU A 116 -8.83 -19.44 -9.44
C LEU A 116 -8.57 -19.06 -10.90
N VAL A 117 -8.68 -17.74 -11.27
CA VAL A 117 -8.43 -17.31 -12.65
C VAL A 117 -7.01 -17.61 -13.12
N LYS A 118 -6.02 -17.34 -12.25
CA LYS A 118 -4.61 -17.58 -12.52
C LYS A 118 -4.33 -19.06 -12.70
N ASN A 119 -4.92 -19.90 -11.85
CA ASN A 119 -4.76 -21.35 -11.93
C ASN A 119 -5.57 -22.01 -13.06
N THR A 120 -6.60 -21.35 -13.62
CA THR A 120 -7.45 -21.87 -14.72
C THR A 120 -6.81 -21.55 -16.11
N LYS A 121 -6.73 -22.55 -17.00
CA LYS A 121 -6.16 -22.44 -18.36
C LYS A 121 -6.70 -21.23 -19.13
N GLY A 122 -5.79 -20.39 -19.60
CA GLY A 122 -6.16 -19.22 -20.39
C GLY A 122 -6.78 -18.07 -19.61
N ASN A 123 -6.76 -18.18 -18.27
CA ASN A 123 -7.19 -17.17 -17.29
C ASN A 123 -8.62 -16.57 -17.47
N THR A 124 -9.54 -17.45 -17.81
CA THR A 124 -10.95 -17.14 -18.05
C THR A 124 -11.72 -18.19 -17.26
N LEU A 125 -12.92 -17.86 -16.82
CA LEU A 125 -13.73 -18.85 -16.12
C LEU A 125 -14.97 -19.23 -16.95
N LYS A 126 -15.52 -20.46 -16.73
CA LYS A 126 -16.74 -20.91 -17.40
C LYS A 126 -17.84 -19.97 -16.95
N GLU A 127 -18.75 -19.59 -17.85
CA GLU A 127 -19.81 -18.66 -17.47
C GLU A 127 -20.63 -19.09 -16.25
N ASP A 128 -20.99 -20.40 -16.16
CA ASP A 128 -21.75 -20.98 -15.04
C ASP A 128 -21.01 -20.85 -13.70
N TRP A 129 -19.67 -20.75 -13.76
CA TRP A 129 -18.80 -20.56 -12.59
C TRP A 129 -18.94 -19.12 -12.08
N ILE A 130 -18.93 -18.14 -13.02
CA ILE A 130 -19.10 -16.73 -12.75
C ILE A 130 -20.46 -16.52 -12.09
N ALA A 131 -21.50 -17.18 -12.64
CA ALA A 131 -22.87 -17.13 -12.16
C ALA A 131 -22.94 -17.61 -10.73
N TYR A 132 -22.23 -18.72 -10.44
CA TYR A 132 -22.24 -19.32 -9.13
C TYR A 132 -21.59 -18.39 -8.11
N ILE A 133 -20.34 -17.98 -8.37
CA ILE A 133 -19.54 -17.16 -7.48
C ILE A 133 -20.19 -15.80 -7.28
N SER A 134 -20.66 -15.16 -8.37
CA SER A 134 -21.33 -13.88 -8.31
C SER A 134 -22.60 -13.94 -7.46
N ARG A 135 -23.35 -15.05 -7.53
CA ARG A 135 -24.55 -15.22 -6.69
C ARG A 135 -24.11 -15.19 -5.22
N GLU A 136 -23.09 -16.00 -4.86
CA GLU A 136 -22.54 -16.08 -3.50
C GLU A 136 -21.95 -14.73 -3.00
N ILE A 137 -21.32 -13.94 -3.91
CA ILE A 137 -20.79 -12.61 -3.57
C ILE A 137 -21.97 -11.73 -3.18
N LEU A 138 -23.01 -11.72 -4.04
CA LEU A 138 -24.25 -10.97 -3.82
C LEU A 138 -24.96 -11.41 -2.56
N ARG A 139 -25.04 -12.73 -2.32
CA ARG A 139 -25.66 -13.32 -1.13
C ARG A 139 -24.96 -12.88 0.15
N GLY A 140 -23.63 -12.78 0.10
CA GLY A 140 -22.80 -12.28 1.20
C GLY A 140 -23.04 -10.80 1.38
N LEU A 141 -23.03 -10.03 0.27
CA LEU A 141 -23.28 -8.58 0.28
C LEU A 141 -24.65 -8.25 0.85
N ALA A 142 -25.69 -9.03 0.45
CA ALA A 142 -27.07 -8.88 0.91
C ALA A 142 -27.11 -8.89 2.42
N HIS A 143 -26.33 -9.80 3.06
CA HIS A 143 -26.18 -9.93 4.52
C HIS A 143 -25.57 -8.66 5.12
N LEU A 144 -24.47 -8.14 4.53
CA LEU A 144 -23.83 -6.95 5.04
C LEU A 144 -24.77 -5.77 4.92
N HIS A 145 -25.38 -5.61 3.74
CA HIS A 145 -26.30 -4.51 3.42
C HIS A 145 -27.56 -4.46 4.31
N ILE A 146 -28.16 -5.62 4.60
CA ILE A 146 -29.34 -5.76 5.44
C ILE A 146 -29.03 -5.36 6.91
N HIS A 147 -27.72 -5.38 7.26
CA HIS A 147 -27.17 -5.00 8.57
C HIS A 147 -26.48 -3.63 8.48
N HIS A 148 -26.84 -2.82 7.44
CA HIS A 148 -26.35 -1.47 7.14
C HIS A 148 -24.84 -1.32 6.99
N VAL A 149 -24.21 -2.37 6.47
CA VAL A 149 -22.76 -2.45 6.30
C VAL A 149 -22.39 -2.45 4.80
N ILE A 150 -21.44 -1.58 4.42
CA ILE A 150 -20.86 -1.55 3.07
C ILE A 150 -19.50 -2.29 3.19
N HIS A 151 -19.28 -3.26 2.31
CA HIS A 151 -18.04 -4.01 2.28
C HIS A 151 -16.86 -3.05 2.00
N ARG A 152 -17.03 -2.20 1.00
CA ARG A 152 -16.08 -1.18 0.56
C ARG A 152 -14.93 -1.70 -0.31
N ASP A 153 -14.61 -3.01 -0.24
CA ASP A 153 -13.51 -3.58 -1.02
C ASP A 153 -13.83 -4.94 -1.69
N ILE A 154 -14.80 -4.93 -2.62
CA ILE A 154 -15.12 -6.16 -3.33
C ILE A 154 -14.17 -6.26 -4.52
N LYS A 155 -13.47 -7.42 -4.65
CA LYS A 155 -12.47 -7.76 -5.66
C LYS A 155 -12.10 -9.21 -5.55
N GLY A 156 -11.52 -9.79 -6.61
CA GLY A 156 -11.11 -11.19 -6.66
C GLY A 156 -10.34 -11.61 -5.42
N GLN A 157 -9.31 -10.81 -5.03
CA GLN A 157 -8.47 -11.02 -3.85
C GLN A 157 -9.29 -11.22 -2.56
N ASN A 158 -10.36 -10.44 -2.38
CA ASN A 158 -11.23 -10.43 -1.21
C ASN A 158 -12.40 -11.42 -1.26
N VAL A 159 -12.41 -12.36 -2.23
CA VAL A 159 -13.47 -13.37 -2.34
C VAL A 159 -12.74 -14.69 -2.35
N LEU A 160 -12.92 -15.49 -1.29
CA LEU A 160 -12.20 -16.75 -1.10
C LEU A 160 -13.05 -18.00 -1.15
N LEU A 161 -12.39 -19.11 -1.47
CA LEU A 161 -13.00 -20.42 -1.54
C LEU A 161 -12.47 -21.32 -0.42
N THR A 162 -13.34 -22.18 0.09
CA THR A 162 -13.00 -23.15 1.11
C THR A 162 -12.64 -24.40 0.34
N GLU A 163 -12.03 -25.41 1.00
CA GLU A 163 -11.72 -26.66 0.30
C GLU A 163 -13.04 -27.40 0.00
N ASN A 164 -14.17 -26.85 0.48
CA ASN A 164 -15.53 -27.37 0.30
C ASN A 164 -16.31 -26.62 -0.80
N ALA A 165 -15.63 -25.72 -1.57
CA ALA A 165 -16.17 -24.88 -2.65
C ALA A 165 -17.23 -23.84 -2.17
N GLU A 166 -17.11 -23.43 -0.91
CA GLU A 166 -17.97 -22.39 -0.37
C GLU A 166 -17.27 -21.09 -0.70
N VAL A 167 -18.05 -20.11 -1.16
CA VAL A 167 -17.54 -18.79 -1.52
C VAL A 167 -17.72 -17.93 -0.28
N LYS A 168 -16.63 -17.33 0.23
CA LYS A 168 -16.64 -16.51 1.43
C LYS A 168 -15.92 -15.16 1.30
N LEU A 169 -16.54 -14.09 1.82
CA LEU A 169 -15.99 -12.73 1.75
C LEU A 169 -15.08 -12.36 2.93
N VAL A 170 -14.15 -11.39 2.69
CA VAL A 170 -13.21 -10.80 3.69
C VAL A 170 -12.97 -9.30 3.40
N ASP A 171 -12.52 -8.52 4.43
CA ASP A 171 -12.16 -7.10 4.36
C ASP A 171 -13.34 -6.11 4.24
N PHE A 172 -14.34 -6.21 5.14
CA PHE A 172 -15.44 -5.22 5.14
C PHE A 172 -15.12 -4.02 6.07
N GLY A 173 -15.45 -2.81 5.60
CA GLY A 173 -15.18 -1.54 6.28
C GLY A 173 -16.19 -1.22 7.37
N ASN A 186 -4.98 2.30 6.83
CA ASN A 186 -5.78 3.46 7.26
C ASN A 186 -5.31 4.83 6.69
N THR A 187 -4.00 4.94 6.33
CA THR A 187 -3.35 6.15 5.80
C THR A 187 -3.14 6.17 4.27
N PHE A 188 -3.11 4.99 3.64
CA PHE A 188 -2.85 4.80 2.21
C PHE A 188 -4.13 4.62 1.39
N ILE A 189 -4.06 4.95 0.09
CA ILE A 189 -5.11 4.69 -0.89
C ILE A 189 -4.59 3.48 -1.67
N GLY A 190 -5.40 2.45 -1.68
CA GLY A 190 -5.08 1.21 -2.36
C GLY A 190 -5.35 1.23 -3.85
N THR A 191 -5.73 0.08 -4.37
CA THR A 191 -5.93 -0.16 -5.79
C THR A 191 -7.24 0.46 -6.33
N PRO A 192 -7.19 1.20 -7.47
CA PRO A 192 -8.41 1.86 -7.96
C PRO A 192 -9.36 1.07 -8.83
N TYR A 193 -8.87 0.00 -9.46
CA TYR A 193 -9.57 -0.81 -10.48
C TYR A 193 -11.00 -1.27 -10.26
N TRP A 194 -11.37 -1.53 -9.01
CA TRP A 194 -12.70 -2.01 -8.62
C TRP A 194 -13.57 -0.90 -8.02
N MET A 195 -13.04 0.34 -7.89
CA MET A 195 -13.73 1.46 -7.25
C MET A 195 -14.90 1.94 -8.07
N ALA A 196 -16.09 2.07 -7.46
CA ALA A 196 -17.26 2.60 -8.12
C ALA A 196 -16.99 4.07 -8.44
N PRO A 197 -17.53 4.61 -9.56
CA PRO A 197 -17.27 6.04 -9.89
C PRO A 197 -17.53 7.05 -8.76
N GLU A 198 -18.53 6.77 -7.90
CA GLU A 198 -18.98 7.65 -6.82
C GLU A 198 -18.03 7.78 -5.67
N VAL A 199 -17.13 6.81 -5.49
CA VAL A 199 -16.17 6.81 -4.39
C VAL A 199 -14.90 7.60 -4.73
N ILE A 200 -14.77 8.03 -6.01
CA ILE A 200 -13.66 8.83 -6.54
C ILE A 200 -14.18 10.25 -6.71
N ALA A 201 -13.60 11.18 -5.95
CA ALA A 201 -13.98 12.58 -5.98
C ALA A 201 -13.39 13.33 -7.17
N CYS A 202 -14.24 14.13 -7.81
CA CYS A 202 -13.94 14.99 -8.94
C CYS A 202 -14.82 16.26 -8.81
N ASP A 203 -14.82 17.17 -9.80
CA ASP A 203 -15.57 18.41 -9.68
C ASP A 203 -17.08 18.39 -9.31
N GLU A 204 -17.92 17.53 -9.94
CA GLU A 204 -19.35 17.48 -9.58
C GLU A 204 -19.63 16.58 -8.37
N ASN A 205 -18.68 15.67 -8.01
CA ASN A 205 -18.73 14.73 -6.87
C ASN A 205 -17.64 15.14 -5.83
N PRO A 206 -17.76 16.29 -5.14
CA PRO A 206 -16.69 16.72 -4.23
C PRO A 206 -16.58 15.95 -2.92
N ASP A 207 -17.70 15.53 -2.35
CA ASP A 207 -17.68 14.82 -1.07
C ASP A 207 -17.80 13.29 -1.16
N ALA A 208 -17.54 12.73 -2.38
CA ALA A 208 -17.52 11.32 -2.79
C ALA A 208 -17.97 10.35 -1.73
N THR A 209 -19.25 9.97 -1.79
CA THR A 209 -19.85 9.09 -0.79
C THR A 209 -20.12 7.63 -1.21
N TYR A 210 -19.55 6.68 -0.40
CA TYR A 210 -19.75 5.23 -0.51
C TYR A 210 -21.26 4.94 -0.25
N ASP A 211 -21.90 4.19 -1.15
CA ASP A 211 -23.28 3.74 -1.02
C ASP A 211 -23.21 2.20 -0.99
N TYR A 212 -24.32 1.55 -0.64
CA TYR A 212 -24.43 0.08 -0.62
C TYR A 212 -24.20 -0.39 -2.05
N ARG A 213 -24.68 0.43 -2.99
CA ARG A 213 -24.59 0.23 -4.43
C ARG A 213 -23.18 0.28 -5.03
N SER A 214 -22.19 0.72 -4.24
CA SER A 214 -20.79 0.79 -4.65
C SER A 214 -20.22 -0.62 -4.74
N ASP A 215 -20.66 -1.50 -3.81
CA ASP A 215 -20.29 -2.91 -3.72
C ASP A 215 -20.84 -3.67 -4.94
N LEU A 216 -21.92 -3.15 -5.57
CA LEU A 216 -22.49 -3.80 -6.75
C LEU A 216 -21.62 -3.54 -7.98
N TRP A 217 -21.11 -2.29 -8.15
CA TRP A 217 -20.17 -1.92 -9.21
C TRP A 217 -18.95 -2.86 -9.12
N SER A 218 -18.28 -2.87 -7.93
CA SER A 218 -17.12 -3.67 -7.59
C SER A 218 -17.38 -5.14 -7.90
N CYS A 219 -18.59 -5.63 -7.59
CA CYS A 219 -19.00 -6.99 -7.92
C CYS A 219 -18.99 -7.21 -9.43
N GLY A 220 -19.51 -6.25 -10.19
CA GLY A 220 -19.54 -6.32 -11.65
C GLY A 220 -18.15 -6.37 -12.26
N ILE A 221 -17.23 -5.56 -11.72
CA ILE A 221 -15.80 -5.53 -12.10
C ILE A 221 -15.16 -6.89 -11.76
N THR A 222 -15.52 -7.48 -10.60
CA THR A 222 -15.03 -8.80 -10.17
C THR A 222 -15.49 -9.87 -11.20
N ALA A 223 -16.67 -9.68 -11.78
CA ALA A 223 -17.18 -10.62 -12.75
C ALA A 223 -16.44 -10.48 -14.08
N ILE A 224 -16.03 -9.24 -14.43
CA ILE A 224 -15.22 -8.99 -15.62
C ILE A 224 -13.84 -9.62 -15.38
N GLU A 225 -13.31 -9.45 -14.16
CA GLU A 225 -12.05 -10.03 -13.70
C GLU A 225 -12.09 -11.54 -13.90
N MET A 226 -13.17 -12.18 -13.43
CA MET A 226 -13.40 -13.63 -13.58
C MET A 226 -13.50 -14.03 -15.05
N ALA A 227 -14.10 -13.17 -15.89
CA ALA A 227 -14.29 -13.45 -17.31
C ALA A 227 -13.04 -13.27 -18.18
N GLU A 228 -12.29 -12.18 -17.98
CA GLU A 228 -11.13 -11.82 -18.79
C GLU A 228 -9.76 -12.01 -18.13
N GLY A 229 -9.73 -12.32 -16.84
CA GLY A 229 -8.49 -12.57 -16.11
C GLY A 229 -7.93 -11.39 -15.35
N ALA A 230 -8.51 -10.17 -15.57
CA ALA A 230 -8.10 -8.93 -14.94
C ALA A 230 -9.18 -7.83 -15.05
N PRO A 231 -9.19 -6.80 -14.17
CA PRO A 231 -10.26 -5.78 -14.27
C PRO A 231 -10.09 -4.80 -15.42
N PRO A 232 -11.19 -4.11 -15.81
CA PRO A 232 -11.13 -3.16 -16.91
C PRO A 232 -9.98 -2.19 -17.15
N LEU A 233 -9.23 -1.62 -16.22
CA LEU A 233 -8.18 -0.75 -16.80
C LEU A 233 -6.80 -1.17 -16.32
N CYS A 234 -6.59 -2.48 -16.18
CA CYS A 234 -5.39 -3.11 -15.63
C CYS A 234 -4.09 -2.64 -16.22
N ASP A 235 -4.11 -2.25 -17.52
CA ASP A 235 -2.96 -1.74 -18.28
C ASP A 235 -2.56 -0.31 -18.02
N MET A 236 -3.42 0.43 -17.31
CA MET A 236 -3.22 1.84 -16.93
C MET A 236 -2.45 1.96 -15.62
N HIS A 237 -1.66 3.05 -15.50
CA HIS A 237 -1.01 3.37 -14.23
C HIS A 237 -2.17 3.60 -13.21
N PRO A 238 -2.10 3.10 -11.96
CA PRO A 238 -3.22 3.28 -11.03
C PRO A 238 -3.82 4.70 -10.93
N MET A 239 -2.98 5.75 -11.02
CA MET A 239 -3.43 7.14 -10.99
C MET A 239 -4.30 7.46 -12.21
N ARG A 240 -3.89 6.98 -13.41
CA ARG A 240 -4.62 7.17 -14.66
C ARG A 240 -5.99 6.48 -14.63
N ALA A 241 -6.05 5.26 -14.06
CA ALA A 241 -7.27 4.50 -13.88
C ALA A 241 -8.20 5.23 -12.92
N LEU A 242 -7.66 5.76 -11.81
CA LEU A 242 -8.43 6.52 -10.83
C LEU A 242 -9.14 7.67 -11.51
N PHE A 243 -8.42 8.42 -12.36
CA PHE A 243 -8.94 9.52 -13.17
C PHE A 243 -10.02 9.07 -14.16
N LEU A 244 -9.80 7.91 -14.86
CA LEU A 244 -10.71 7.40 -15.89
C LEU A 244 -12.03 6.79 -15.45
N ILE A 245 -12.05 6.05 -14.32
CA ILE A 245 -13.29 5.43 -13.81
C ILE A 245 -14.52 6.38 -13.81
N PRO A 246 -14.47 7.60 -13.23
CA PRO A 246 -15.65 8.47 -13.25
C PRO A 246 -15.96 9.16 -14.60
N ARG A 247 -15.02 9.10 -15.57
CA ARG A 247 -15.18 9.75 -16.87
C ARG A 247 -15.56 8.75 -17.98
N ASN A 248 -14.91 7.58 -17.99
CA ASN A 248 -15.15 6.56 -19.00
C ASN A 248 -16.56 5.97 -18.92
N PRO A 249 -17.18 5.63 -20.06
CA PRO A 249 -18.49 4.96 -20.02
C PRO A 249 -18.33 3.59 -19.32
N PRO A 250 -19.42 2.97 -18.83
CA PRO A 250 -19.26 1.68 -18.15
C PRO A 250 -18.44 0.65 -18.90
N PRO A 251 -17.55 -0.05 -18.17
CA PRO A 251 -16.76 -1.10 -18.79
C PRO A 251 -17.66 -2.21 -19.37
N ARG A 252 -17.19 -2.84 -20.45
CA ARG A 252 -17.91 -3.87 -21.18
C ARG A 252 -17.01 -5.10 -21.35
N LEU A 253 -17.64 -6.26 -21.54
CA LEU A 253 -16.92 -7.49 -21.80
C LEU A 253 -16.39 -7.38 -23.22
N LYS A 254 -15.10 -7.72 -23.41
CA LYS A 254 -14.40 -7.65 -24.71
C LYS A 254 -15.03 -8.60 -25.74
N SER A 255 -15.17 -9.89 -25.37
CA SER A 255 -15.73 -10.93 -26.23
C SER A 255 -17.22 -10.80 -26.49
N LYS A 256 -17.66 -11.42 -27.59
CA LYS A 256 -19.06 -11.47 -28.00
C LYS A 256 -19.63 -12.83 -27.62
N LYS A 257 -18.73 -13.80 -27.26
CA LYS A 257 -19.04 -15.19 -26.87
C LYS A 257 -20.04 -15.32 -25.73
N TRP A 258 -20.06 -14.33 -24.82
CA TRP A 258 -20.89 -14.34 -23.62
C TRP A 258 -22.38 -14.34 -23.93
N SER A 259 -23.16 -14.86 -22.99
CA SER A 259 -24.61 -14.96 -23.11
C SER A 259 -25.22 -13.59 -22.93
N LYS A 260 -26.46 -13.46 -23.39
CA LYS A 260 -27.24 -12.25 -23.20
C LYS A 260 -27.39 -11.94 -21.68
N LYS A 261 -27.77 -12.95 -20.86
CA LYS A 261 -27.90 -12.79 -19.39
C LYS A 261 -26.60 -12.28 -18.74
N PHE A 262 -25.42 -12.71 -19.25
CA PHE A 262 -24.16 -12.24 -18.67
C PHE A 262 -23.89 -10.76 -18.98
N PHE A 263 -23.97 -10.31 -20.28
CA PHE A 263 -23.74 -8.89 -20.59
C PHE A 263 -24.71 -8.01 -19.82
N SER A 264 -25.96 -8.50 -19.70
CA SER A 264 -27.09 -7.87 -18.99
C SER A 264 -26.77 -7.63 -17.52
N PHE A 265 -26.21 -8.66 -16.86
CA PHE A 265 -25.83 -8.65 -15.46
C PHE A 265 -24.73 -7.64 -15.26
N ILE A 266 -23.69 -7.70 -16.12
CA ILE A 266 -22.55 -6.78 -16.09
C ILE A 266 -23.09 -5.38 -16.21
N GLU A 267 -24.04 -5.15 -17.16
CA GLU A 267 -24.71 -3.87 -17.38
C GLU A 267 -25.39 -3.37 -16.11
N GLY A 268 -26.23 -4.23 -15.51
CA GLY A 268 -26.95 -3.94 -14.27
C GLY A 268 -26.00 -3.58 -13.16
N CYS A 269 -24.92 -4.35 -13.01
CA CYS A 269 -23.88 -4.10 -12.04
C CYS A 269 -23.21 -2.78 -12.29
N LEU A 270 -22.89 -2.49 -13.56
CA LEU A 270 -22.13 -1.32 -13.94
C LEU A 270 -22.92 -0.09 -14.40
N VAL A 271 -24.04 0.18 -13.74
CA VAL A 271 -24.80 1.38 -14.03
C VAL A 271 -23.87 2.47 -13.51
N LYS A 272 -23.46 3.40 -14.41
CA LYS A 272 -22.50 4.46 -14.07
C LYS A 272 -22.95 5.32 -12.89
N ASN A 273 -24.21 5.80 -12.94
CA ASN A 273 -24.82 6.63 -11.88
C ASN A 273 -25.46 5.72 -10.82
N TYR A 274 -24.88 5.69 -9.58
CA TYR A 274 -25.37 4.80 -8.54
C TYR A 274 -26.87 4.92 -8.27
N MET A 275 -27.43 6.12 -8.47
CA MET A 275 -28.84 6.46 -8.28
C MET A 275 -29.81 5.57 -9.06
N GLN A 276 -29.39 4.98 -10.22
CA GLN A 276 -30.22 4.04 -11.02
C GLN A 276 -29.66 2.63 -10.94
N ARG A 277 -28.57 2.46 -10.21
CA ARG A 277 -27.98 1.13 -10.08
C ARG A 277 -28.88 0.28 -9.18
N PRO A 278 -29.17 -0.99 -9.54
CA PRO A 278 -30.05 -1.82 -8.72
C PRO A 278 -29.50 -2.22 -7.36
N SER A 279 -30.41 -2.64 -6.45
CA SER A 279 -30.03 -3.10 -5.13
C SER A 279 -29.44 -4.52 -5.23
N THR A 280 -28.83 -4.98 -4.15
CA THR A 280 -28.29 -6.33 -4.07
C THR A 280 -29.47 -7.34 -4.19
N GLU A 281 -30.67 -6.97 -3.68
CA GLU A 281 -31.86 -7.81 -3.73
C GLU A 281 -32.38 -7.93 -5.18
N GLN A 282 -32.39 -6.81 -5.93
CA GLN A 282 -32.81 -6.73 -7.31
C GLN A 282 -31.89 -7.57 -8.18
N LEU A 283 -30.56 -7.53 -7.90
CA LEU A 283 -29.58 -8.28 -8.67
C LEU A 283 -29.75 -9.78 -8.47
N LEU A 284 -30.08 -10.20 -7.24
CA LEU A 284 -30.27 -11.62 -6.89
C LEU A 284 -31.41 -12.29 -7.69
N LYS A 285 -32.30 -11.47 -8.28
CA LYS A 285 -33.43 -11.87 -9.12
C LYS A 285 -33.04 -11.78 -10.62
N HIS A 286 -31.82 -11.25 -10.95
CA HIS A 286 -31.38 -11.13 -12.34
C HIS A 286 -31.28 -12.53 -12.93
N PRO A 287 -31.82 -12.77 -14.15
CA PRO A 287 -31.77 -14.13 -14.74
C PRO A 287 -30.42 -14.87 -14.67
N PHE A 288 -29.28 -14.14 -14.80
CA PHE A 288 -27.94 -14.71 -14.74
C PHE A 288 -27.70 -15.41 -13.41
N ILE A 289 -28.14 -14.79 -12.31
CA ILE A 289 -28.00 -15.27 -10.92
C ILE A 289 -29.14 -16.19 -10.51
N ARG A 290 -30.39 -15.74 -10.76
CA ARG A 290 -31.60 -16.47 -10.39
C ARG A 290 -31.61 -17.86 -11.02
N ASP A 291 -31.48 -17.93 -12.37
CA ASP A 291 -31.50 -19.16 -13.19
C ASP A 291 -30.13 -19.82 -13.26
N GLN A 292 -29.95 -20.91 -12.49
CA GLN A 292 -28.71 -21.66 -12.39
C GLN A 292 -28.98 -23.16 -12.26
N PRO A 293 -29.25 -23.88 -13.38
CA PRO A 293 -29.55 -25.33 -13.29
C PRO A 293 -28.33 -26.21 -12.97
N ASN A 294 -27.15 -25.80 -13.47
CA ASN A 294 -25.88 -26.50 -13.28
C ASN A 294 -25.21 -26.26 -11.93
N GLU A 295 -25.88 -25.49 -11.04
CA GLU A 295 -25.47 -25.12 -9.68
C GLU A 295 -24.71 -26.26 -8.96
N ARG A 296 -25.35 -27.43 -8.86
CA ARG A 296 -24.82 -28.64 -8.22
C ARG A 296 -23.55 -29.13 -8.93
N GLN A 297 -23.62 -29.29 -10.29
CA GLN A 297 -22.50 -29.72 -11.13
C GLN A 297 -21.29 -28.79 -11.04
N VAL A 298 -21.53 -27.46 -11.06
CA VAL A 298 -20.53 -26.39 -10.97
C VAL A 298 -19.73 -26.50 -9.67
N ARG A 299 -20.43 -26.75 -8.54
CA ARG A 299 -19.85 -26.92 -7.22
C ARG A 299 -18.88 -28.12 -7.23
N ILE A 300 -19.29 -29.22 -7.90
CA ILE A 300 -18.49 -30.43 -8.11
C ILE A 300 -17.26 -30.08 -9.00
N GLN A 301 -17.50 -29.29 -10.07
CA GLN A 301 -16.46 -28.86 -11.01
C GLN A 301 -15.37 -28.04 -10.29
N LEU A 302 -15.81 -27.13 -9.40
CA LEU A 302 -14.93 -26.27 -8.60
C LEU A 302 -14.17 -27.07 -7.56
N LYS A 303 -14.86 -28.05 -6.91
CA LYS A 303 -14.26 -28.91 -5.90
C LYS A 303 -13.08 -29.69 -6.49
N ASP A 304 -13.22 -30.20 -7.75
CA ASP A 304 -12.17 -30.94 -8.43
C ASP A 304 -10.95 -30.11 -8.79
N HIS A 305 -11.15 -28.84 -9.14
CA HIS A 305 -10.08 -27.88 -9.45
C HIS A 305 -9.28 -27.60 -8.16
N ILE A 306 -9.99 -27.54 -7.01
CA ILE A 306 -9.43 -27.34 -5.68
C ILE A 306 -8.56 -28.55 -5.32
N ASP A 307 -9.09 -29.78 -5.60
CA ASP A 307 -8.43 -31.09 -5.41
C ASP A 307 -7.07 -31.16 -6.13
N ARG A 308 -6.95 -30.40 -7.23
CA ARG A 308 -5.70 -30.16 -7.95
C ARG A 308 -5.07 -28.91 -7.26
N THR A 309 -4.42 -29.21 -6.13
CA THR A 309 -3.73 -28.32 -5.21
C THR A 309 -2.42 -27.86 -5.85
N LEU B 10 34.34 -0.74 -1.23
CA LEU B 10 33.16 -1.58 -1.40
C LEU B 10 32.98 -2.13 -2.84
N VAL B 11 33.92 -3.01 -3.27
CA VAL B 11 33.93 -3.68 -4.59
C VAL B 11 32.76 -4.66 -4.67
N ASP B 12 32.71 -5.52 -5.72
CA ASP B 12 31.66 -6.54 -5.89
C ASP B 12 30.25 -6.03 -6.28
N ILE B 13 29.96 -4.72 -6.14
CA ILE B 13 28.65 -4.13 -6.49
C ILE B 13 28.43 -4.06 -8.01
N ASP B 14 27.20 -4.31 -8.46
CA ASP B 14 26.81 -4.25 -9.86
C ASP B 14 25.37 -3.77 -9.89
N LEU B 15 25.19 -2.50 -10.31
CA LEU B 15 23.87 -1.86 -10.44
C LEU B 15 23.30 -2.11 -11.84
N SER B 16 24.13 -2.67 -12.74
CA SER B 16 23.79 -2.98 -14.12
C SER B 16 23.15 -4.37 -14.30
N SER B 17 23.11 -5.23 -13.23
CA SER B 17 22.56 -6.59 -13.25
C SER B 17 21.95 -7.16 -11.93
N LEU B 18 21.02 -8.16 -12.10
CA LEU B 18 20.26 -8.90 -11.08
C LEU B 18 20.88 -10.28 -10.83
N ARG B 19 21.71 -10.36 -9.76
CA ARG B 19 22.53 -11.53 -9.42
C ARG B 19 22.08 -12.29 -8.16
N ASP B 20 22.72 -13.44 -7.86
CA ASP B 20 22.44 -14.23 -6.67
C ASP B 20 23.20 -13.51 -5.55
N PRO B 21 22.56 -13.14 -4.42
CA PRO B 21 23.29 -12.40 -3.36
C PRO B 21 24.38 -13.18 -2.62
N ALA B 22 24.53 -14.50 -2.91
CA ALA B 22 25.52 -15.39 -2.32
C ALA B 22 26.93 -14.86 -2.56
N GLY B 23 27.66 -14.73 -1.47
CA GLY B 23 29.04 -14.26 -1.47
C GLY B 23 29.17 -12.75 -1.46
N ILE B 24 28.03 -12.04 -1.65
CA ILE B 24 27.96 -10.58 -1.74
C ILE B 24 27.24 -10.05 -0.52
N PHE B 25 25.96 -10.40 -0.37
CA PHE B 25 25.15 -9.96 0.74
C PHE B 25 24.39 -11.11 1.42
N GLU B 26 24.11 -10.91 2.71
CA GLU B 26 23.34 -11.82 3.55
C GLU B 26 22.62 -11.02 4.60
N LEU B 27 21.51 -11.58 5.11
CA LEU B 27 20.65 -10.98 6.14
C LEU B 27 21.08 -11.46 7.53
N VAL B 28 21.27 -10.53 8.46
CA VAL B 28 21.64 -10.85 9.83
C VAL B 28 20.37 -11.27 10.60
N GLU B 29 19.19 -10.75 10.17
CA GLU B 29 17.89 -11.09 10.77
C GLU B 29 17.03 -12.09 9.95
N VAL B 30 16.09 -12.79 10.63
CA VAL B 30 15.17 -13.77 10.00
C VAL B 30 14.10 -12.98 9.25
N VAL B 31 13.88 -13.34 7.96
CA VAL B 31 12.95 -12.64 7.09
C VAL B 31 11.65 -13.42 6.80
N GLY B 32 11.79 -14.55 6.10
CA GLY B 32 10.67 -15.40 5.74
C GLY B 32 9.92 -15.06 4.46
N ASN B 33 9.05 -16.01 4.01
CA ASN B 33 8.23 -15.91 2.80
C ASN B 33 6.90 -15.21 3.07
N GLY B 34 6.66 -14.16 2.28
CA GLY B 34 5.47 -13.31 2.29
C GLY B 34 5.77 -11.82 2.17
N THR B 35 7.07 -11.50 2.08
CA THR B 35 7.61 -10.14 2.04
C THR B 35 7.16 -9.24 0.90
N TYR B 36 7.09 -7.93 1.20
CA TYR B 36 6.68 -6.86 0.28
C TYR B 36 7.42 -5.49 0.55
N GLY B 37 8.67 -5.58 1.01
CA GLY B 37 9.59 -4.48 1.30
C GLY B 37 9.10 -3.38 2.23
N GLN B 38 9.32 -3.46 3.57
CA GLN B 38 9.96 -4.48 4.42
C GLN B 38 11.46 -4.59 4.29
N VAL B 39 12.13 -3.71 5.04
CA VAL B 39 13.58 -3.58 5.11
C VAL B 39 14.09 -4.40 6.29
N TYR B 40 15.17 -5.13 6.05
CA TYR B 40 15.79 -5.99 7.06
C TYR B 40 17.27 -5.64 7.27
N LYS B 41 17.90 -6.24 8.27
CA LYS B 41 19.30 -5.96 8.55
C LYS B 41 20.14 -7.01 7.87
N GLY B 42 21.15 -6.56 7.14
CA GLY B 42 22.08 -7.42 6.43
C GLY B 42 23.52 -6.95 6.46
N ARG B 43 24.42 -7.74 5.87
CA ARG B 43 25.83 -7.37 5.81
C ARG B 43 26.53 -7.72 4.50
N HIS B 44 27.58 -6.94 4.17
CA HIS B 44 28.40 -7.14 2.98
C HIS B 44 29.33 -8.30 3.32
N VAL B 45 28.89 -9.51 2.95
CA VAL B 45 29.52 -10.79 3.28
C VAL B 45 30.93 -11.03 2.68
N LYS B 46 31.71 -9.95 2.61
CA LYS B 46 33.08 -9.97 2.13
C LYS B 46 33.90 -9.55 3.31
N THR B 47 33.84 -8.25 3.64
CA THR B 47 34.47 -7.54 4.76
C THR B 47 33.85 -6.13 4.65
N GLY B 48 32.89 -5.80 5.50
CA GLY B 48 32.33 -6.59 6.60
C GLY B 48 31.10 -5.83 7.09
N GLN B 49 30.93 -4.63 6.51
CA GLN B 49 29.94 -3.60 6.73
C GLN B 49 28.48 -4.04 6.75
N LEU B 50 27.63 -3.28 7.48
CA LEU B 50 26.19 -3.41 7.61
C LEU B 50 25.45 -2.73 6.43
N ALA B 51 24.28 -3.27 6.10
CA ALA B 51 23.42 -2.80 5.04
C ALA B 51 21.98 -3.10 5.36
N ALA B 52 21.10 -2.34 4.72
CA ALA B 52 19.65 -2.46 4.82
C ALA B 52 19.17 -3.28 3.60
N ILE B 53 18.30 -4.30 3.80
CA ILE B 53 17.77 -5.12 2.70
C ILE B 53 16.23 -5.10 2.56
N LYS B 54 15.73 -4.54 1.44
CA LYS B 54 14.31 -4.50 1.09
C LYS B 54 14.04 -5.86 0.41
N VAL B 55 13.14 -6.66 1.01
CA VAL B 55 12.81 -8.00 0.53
C VAL B 55 11.40 -7.98 -0.03
N MET B 56 11.25 -8.45 -1.27
CA MET B 56 9.94 -8.50 -1.94
C MET B 56 9.79 -9.78 -2.71
N ASP B 57 8.75 -10.57 -2.38
CA ASP B 57 8.44 -11.77 -3.13
C ASP B 57 7.90 -11.28 -4.47
N VAL B 58 8.40 -11.87 -5.57
CA VAL B 58 8.06 -11.48 -6.96
C VAL B 58 7.68 -12.68 -7.86
N THR B 59 6.78 -12.43 -8.85
CA THR B 59 6.39 -13.45 -9.85
C THR B 59 7.56 -13.63 -10.84
N GLU B 60 7.44 -14.53 -11.82
CA GLU B 60 8.52 -14.66 -12.81
C GLU B 60 8.56 -13.45 -13.78
N ASP B 61 7.39 -12.85 -14.10
CA ASP B 61 7.26 -11.68 -14.98
C ASP B 61 7.77 -10.45 -14.27
N GLU B 62 7.55 -10.39 -12.92
CA GLU B 62 8.02 -9.33 -12.04
C GLU B 62 9.56 -9.32 -11.98
N GLU B 63 10.17 -10.53 -12.07
CA GLU B 63 11.61 -10.76 -12.17
C GLU B 63 12.09 -10.24 -13.53
N GLU B 64 11.36 -10.58 -14.61
CA GLU B 64 11.67 -10.12 -15.95
C GLU B 64 11.57 -8.60 -16.08
N GLU B 65 10.61 -8.00 -15.36
CA GLU B 65 10.34 -6.57 -15.30
C GLU B 65 11.52 -5.83 -14.67
N ILE B 66 12.01 -6.35 -13.52
CA ILE B 66 13.14 -5.83 -12.75
C ILE B 66 14.41 -5.85 -13.60
N LYS B 67 14.61 -6.92 -14.39
CA LYS B 67 15.74 -7.01 -15.32
C LYS B 67 15.73 -5.79 -16.28
N LEU B 68 14.55 -5.50 -16.92
CA LEU B 68 14.27 -4.37 -17.84
C LEU B 68 14.47 -3.02 -17.16
N GLU B 69 13.97 -2.88 -15.92
CA GLU B 69 14.10 -1.63 -15.17
C GLU B 69 15.54 -1.31 -14.77
N ILE B 70 16.34 -2.35 -14.58
CA ILE B 70 17.76 -2.22 -14.23
C ILE B 70 18.43 -1.65 -15.49
N ASN B 71 17.88 -1.97 -16.67
CA ASN B 71 18.40 -1.46 -17.92
C ASN B 71 18.08 0.02 -18.07
N MET B 72 16.99 0.43 -17.42
CA MET B 72 16.56 1.83 -17.43
C MET B 72 17.17 2.68 -16.32
N LEU B 73 18.19 2.19 -15.60
CA LEU B 73 18.78 2.94 -14.49
C LEU B 73 19.74 4.01 -14.96
N LYS B 74 19.60 5.21 -14.44
CA LYS B 74 20.52 6.30 -14.70
C LYS B 74 21.65 6.19 -13.66
N LYS B 75 22.92 6.19 -14.11
CA LYS B 75 24.10 6.15 -13.23
C LYS B 75 24.31 7.53 -12.57
N TYR B 76 24.83 7.53 -11.32
CA TYR B 76 25.18 8.70 -10.51
C TYR B 76 26.08 8.27 -9.33
N SER B 77 27.08 9.12 -8.98
CA SER B 77 28.05 8.85 -7.92
C SER B 77 27.45 8.72 -6.52
N HIS B 78 28.33 8.38 -5.54
CA HIS B 78 27.99 8.31 -4.12
C HIS B 78 27.77 9.75 -3.60
N HIS B 79 26.82 9.94 -2.69
CA HIS B 79 26.63 11.27 -2.13
C HIS B 79 26.38 11.11 -0.68
N ARG B 80 27.04 11.96 0.14
CA ARG B 80 26.95 11.93 1.60
C ARG B 80 25.52 12.08 2.12
N ASN B 81 24.61 12.63 1.30
CA ASN B 81 23.21 12.81 1.67
C ASN B 81 22.30 11.73 1.10
N ILE B 82 22.91 10.68 0.53
CA ILE B 82 22.20 9.55 -0.03
C ILE B 82 22.71 8.25 0.57
N ALA B 83 21.76 7.48 1.13
CA ALA B 83 22.00 6.14 1.64
C ALA B 83 22.21 5.35 0.33
N THR B 84 23.50 5.15 -0.03
CA THR B 84 23.96 4.54 -1.28
C THR B 84 23.32 3.24 -1.71
N TYR B 85 22.75 3.25 -2.92
CA TYR B 85 22.14 2.08 -3.54
C TYR B 85 23.24 1.05 -3.92
N TYR B 86 23.22 -0.08 -3.22
CA TYR B 86 24.19 -1.16 -3.43
C TYR B 86 23.77 -2.28 -4.39
N GLY B 87 22.65 -2.08 -5.11
CA GLY B 87 22.19 -3.00 -6.14
C GLY B 87 20.96 -3.85 -5.89
N ALA B 88 20.72 -4.80 -6.80
CA ALA B 88 19.58 -5.70 -6.74
C ALA B 88 19.98 -7.16 -6.94
N PHE B 89 19.34 -8.03 -6.15
CA PHE B 89 19.63 -9.45 -6.09
C PHE B 89 18.39 -10.31 -6.05
N ILE B 90 18.57 -11.60 -6.37
CA ILE B 90 17.45 -12.52 -6.36
C ILE B 90 17.72 -13.83 -5.62
N LYS B 91 16.97 -14.04 -4.52
CA LYS B 91 17.09 -15.23 -3.70
C LYS B 91 16.14 -16.31 -4.24
N LYS B 92 16.65 -17.11 -5.23
CA LYS B 92 15.93 -18.19 -5.93
C LYS B 92 15.57 -19.25 -4.92
N SER B 93 14.41 -19.06 -4.25
CA SER B 93 13.95 -19.94 -3.19
C SER B 93 12.53 -19.65 -2.73
N PRO B 94 11.75 -20.69 -2.37
CA PRO B 94 12.03 -22.15 -2.44
C PRO B 94 11.32 -22.83 -3.64
N PRO B 95 11.65 -24.09 -4.03
CA PRO B 95 10.90 -24.74 -5.13
C PRO B 95 9.49 -25.14 -4.65
N GLY B 96 8.57 -24.17 -4.75
CA GLY B 96 7.17 -24.26 -4.35
C GLY B 96 6.53 -22.90 -4.23
N HIS B 97 7.25 -21.93 -3.60
CA HIS B 97 6.82 -20.55 -3.35
C HIS B 97 7.56 -19.51 -4.24
N ASP B 98 7.12 -18.22 -4.20
CA ASP B 98 7.64 -17.05 -4.91
C ASP B 98 9.11 -16.69 -4.56
N ASP B 99 9.93 -16.29 -5.58
CA ASP B 99 11.34 -15.89 -5.37
C ASP B 99 11.44 -14.50 -4.73
N GLN B 100 12.54 -14.23 -4.04
CA GLN B 100 12.67 -12.94 -3.35
C GLN B 100 13.67 -11.94 -3.90
N LEU B 101 13.20 -10.71 -4.08
CA LEU B 101 13.99 -9.60 -4.57
C LEU B 101 14.67 -8.90 -3.40
N TRP B 102 15.97 -8.67 -3.53
CA TRP B 102 16.74 -7.98 -2.51
C TRP B 102 17.20 -6.65 -3.09
N LEU B 103 16.76 -5.54 -2.48
CA LEU B 103 17.21 -4.21 -2.89
C LEU B 103 18.14 -3.73 -1.83
N VAL B 104 19.42 -3.68 -2.17
CA VAL B 104 20.43 -3.34 -1.17
C VAL B 104 20.75 -1.86 -1.08
N MET B 105 20.91 -1.37 0.17
CA MET B 105 21.18 0.04 0.50
C MET B 105 22.14 0.19 1.73
N GLU B 106 22.61 1.42 1.99
CA GLU B 106 23.47 1.81 3.12
C GLU B 106 22.69 1.65 4.45
N PHE B 107 23.39 1.52 5.57
CA PHE B 107 22.71 1.36 6.84
C PHE B 107 22.69 2.58 7.76
N CYS B 108 21.56 3.29 7.77
CA CYS B 108 21.36 4.46 8.62
C CYS B 108 20.70 4.01 9.89
N GLY B 109 21.55 3.64 10.85
CA GLY B 109 21.12 3.07 12.12
C GLY B 109 20.19 3.86 13.01
N ALA B 110 20.35 5.19 13.03
CA ALA B 110 19.60 6.07 13.93
C ALA B 110 18.12 6.25 13.64
N GLY B 111 17.63 5.68 12.53
CA GLY B 111 16.21 5.80 12.20
C GLY B 111 15.91 6.86 11.18
N SER B 112 14.62 7.29 11.11
CA SER B 112 14.12 8.30 10.16
C SER B 112 13.74 9.59 10.85
N ILE B 113 13.43 10.63 10.06
CA ILE B 113 12.99 11.95 10.54
C ILE B 113 11.63 11.81 11.23
N THR B 114 10.80 10.84 10.77
CA THR B 114 9.50 10.55 11.37
C THR B 114 9.76 10.11 12.83
N ASP B 115 10.72 9.19 13.02
CA ASP B 115 11.12 8.70 14.35
C ASP B 115 11.53 9.87 15.22
N LEU B 116 12.33 10.81 14.65
CA LEU B 116 12.80 12.02 15.32
C LEU B 116 11.64 12.83 15.89
N VAL B 117 10.62 13.19 15.06
CA VAL B 117 9.46 13.96 15.53
C VAL B 117 8.68 13.23 16.62
N LYS B 118 8.45 11.92 16.41
CA LYS B 118 7.73 11.08 17.36
C LYS B 118 8.49 10.99 18.70
N ASN B 119 9.81 10.80 18.62
CA ASN B 119 10.68 10.71 19.80
C ASN B 119 10.94 12.06 20.49
N THR B 120 10.56 13.22 19.89
CA THR B 120 10.74 14.56 20.49
C THR B 120 9.50 15.16 21.13
N LYS B 121 9.74 16.14 22.04
CA LYS B 121 8.86 16.98 22.87
C LYS B 121 7.41 16.54 22.86
N GLY B 122 6.79 16.71 21.71
CA GLY B 122 5.40 16.44 21.42
C GLY B 122 4.88 17.56 20.55
N ASN B 123 5.15 17.54 19.21
CA ASN B 123 5.92 16.59 18.41
C ASN B 123 6.71 17.42 17.39
N THR B 124 6.75 18.72 17.64
CA THR B 124 7.45 19.78 16.91
C THR B 124 8.98 19.62 17.06
N LEU B 125 9.75 20.12 16.06
CA LEU B 125 11.22 20.17 16.08
C LEU B 125 11.68 21.63 16.18
N LYS B 126 12.90 21.86 16.70
CA LYS B 126 13.50 23.21 16.82
C LYS B 126 13.65 23.74 15.40
N GLU B 127 13.39 25.03 15.19
CA GLU B 127 13.50 25.62 13.84
C GLU B 127 14.87 25.40 13.19
N ASP B 128 15.98 25.58 13.96
CA ASP B 128 17.35 25.39 13.48
C ASP B 128 17.63 23.94 13.06
N TRP B 129 16.97 22.96 13.72
CA TRP B 129 16.99 21.54 13.40
C TRP B 129 16.34 21.35 12.03
N ILE B 130 15.14 21.96 11.80
CA ILE B 130 14.43 21.89 10.51
C ILE B 130 15.30 22.54 9.42
N ALA B 131 15.93 23.72 9.71
CA ALA B 131 16.84 24.38 8.77
C ALA B 131 17.92 23.40 8.27
N TYR B 132 18.68 22.74 9.20
CA TYR B 132 19.75 21.78 8.93
C TYR B 132 19.25 20.61 8.08
N ILE B 133 18.23 19.89 8.57
CA ILE B 133 17.70 18.72 7.89
C ILE B 133 17.27 19.06 6.46
N SER B 134 16.41 20.07 6.32
CA SER B 134 15.93 20.56 5.04
C SER B 134 17.08 20.90 4.10
N ARG B 135 18.19 21.46 4.63
CA ARG B 135 19.35 21.77 3.80
C ARG B 135 19.91 20.47 3.22
N GLU B 136 20.12 19.47 4.08
CA GLU B 136 20.64 18.15 3.72
C GLU B 136 19.71 17.41 2.74
N ILE B 137 18.36 17.55 2.90
CA ILE B 137 17.38 16.95 1.98
C ILE B 137 17.60 17.57 0.60
N LEU B 138 17.65 18.91 0.55
CA LEU B 138 17.88 19.69 -0.67
C LEU B 138 19.19 19.35 -1.31
N ARG B 139 20.26 19.24 -0.50
CA ARG B 139 21.62 18.90 -0.94
C ARG B 139 21.67 17.52 -1.59
N GLY B 140 20.91 16.59 -1.04
CA GLY B 140 20.76 15.24 -1.59
C GLY B 140 19.99 15.29 -2.89
N LEU B 141 18.86 16.04 -2.88
CA LEU B 141 17.98 16.20 -4.05
C LEU B 141 18.74 16.84 -5.22
N ALA B 142 19.55 17.88 -4.92
CA ALA B 142 20.39 18.59 -5.89
C ALA B 142 21.23 17.61 -6.68
N HIS B 143 21.83 16.61 -5.98
CA HIS B 143 22.62 15.53 -6.56
C HIS B 143 21.79 14.67 -7.51
N LEU B 144 20.60 14.22 -7.07
CA LEU B 144 19.74 13.38 -7.89
C LEU B 144 19.30 14.15 -9.12
N HIS B 145 18.86 15.41 -8.94
CA HIS B 145 18.37 16.28 -10.00
C HIS B 145 19.39 16.63 -11.06
N ILE B 146 20.63 16.88 -10.65
CA ILE B 146 21.75 17.23 -11.55
C ILE B 146 22.11 16.04 -12.45
N HIS B 147 21.71 14.83 -12.04
CA HIS B 147 21.90 13.55 -12.71
C HIS B 147 20.59 13.05 -13.32
N HIS B 148 19.63 13.97 -13.50
CA HIS B 148 18.32 13.78 -14.11
C HIS B 148 17.41 12.74 -13.43
N VAL B 149 17.54 12.63 -12.11
CA VAL B 149 16.79 11.69 -11.29
C VAL B 149 15.79 12.41 -10.35
N ILE B 150 14.52 11.95 -10.34
CA ILE B 150 13.49 12.43 -9.42
C ILE B 150 13.40 11.36 -8.32
N HIS B 151 13.49 11.79 -7.05
CA HIS B 151 13.40 10.88 -5.90
C HIS B 151 12.03 10.24 -5.86
N ARG B 152 10.96 11.04 -6.12
CA ARG B 152 9.51 10.68 -6.19
C ARG B 152 8.81 10.46 -4.86
N ASP B 153 9.58 10.20 -3.79
CA ASP B 153 8.96 9.94 -2.49
C ASP B 153 9.67 10.63 -1.31
N ILE B 154 9.68 11.98 -1.32
CA ILE B 154 10.27 12.72 -0.21
C ILE B 154 9.19 12.85 0.85
N LYS B 155 9.54 12.41 2.09
CA LYS B 155 8.71 12.39 3.29
C LYS B 155 9.58 12.00 4.50
N GLY B 156 9.05 12.20 5.71
CA GLY B 156 9.71 11.88 6.97
C GLY B 156 10.31 10.49 7.01
N GLN B 157 9.50 9.43 6.73
CA GLN B 157 9.95 8.02 6.72
C GLN B 157 11.07 7.73 5.68
N ASN B 158 11.23 8.59 4.65
CA ASN B 158 12.27 8.38 3.64
C ASN B 158 13.54 9.26 3.78
N VAL B 159 13.70 9.91 4.94
CA VAL B 159 14.87 10.75 5.23
C VAL B 159 15.42 10.19 6.52
N LEU B 160 16.62 9.60 6.47
CA LEU B 160 17.22 8.90 7.60
C LEU B 160 18.47 9.52 8.16
N LEU B 161 18.77 9.19 9.43
CA LEU B 161 19.93 9.64 10.18
C LEU B 161 20.87 8.47 10.43
N THR B 162 22.18 8.75 10.46
CA THR B 162 23.22 7.77 10.74
C THR B 162 23.56 7.79 12.23
N GLU B 163 24.48 6.87 12.67
CA GLU B 163 24.96 6.76 14.05
C GLU B 163 25.57 8.11 14.54
N ASN B 164 26.01 8.95 13.59
CA ASN B 164 26.54 10.30 13.84
C ASN B 164 25.35 11.26 13.84
N ALA B 165 25.14 11.97 12.73
CA ALA B 165 24.05 12.94 12.55
C ALA B 165 24.00 13.27 11.06
N GLU B 166 24.36 12.29 10.24
CA GLU B 166 24.37 12.49 8.80
C GLU B 166 22.94 12.25 8.31
N VAL B 167 22.42 13.18 7.51
CA VAL B 167 21.07 13.09 6.96
C VAL B 167 21.23 12.43 5.60
N LYS B 168 20.52 11.30 5.37
CA LYS B 168 20.62 10.53 4.14
C LYS B 168 19.26 10.11 3.56
N LEU B 169 19.10 10.23 2.24
CA LEU B 169 17.86 9.87 1.54
C LEU B 169 17.80 8.38 1.16
N VAL B 170 16.63 7.77 1.38
CA VAL B 170 16.38 6.35 1.05
C VAL B 170 16.42 6.19 -0.47
N ASP B 171 17.41 5.45 -0.97
CA ASP B 171 17.60 5.21 -2.39
C ASP B 171 17.75 3.70 -2.64
N PHE B 172 16.62 3.03 -2.94
CA PHE B 172 16.54 1.59 -3.23
C PHE B 172 16.44 1.36 -4.77
N GLY B 173 16.84 2.37 -5.55
CA GLY B 173 16.80 2.31 -7.01
C GLY B 173 15.86 3.33 -7.60
N VAL B 174 15.68 4.48 -6.92
CA VAL B 174 14.79 5.62 -7.26
C VAL B 174 14.82 6.13 -8.75
N SER B 175 15.97 5.88 -9.43
CA SER B 175 16.25 6.26 -10.81
C SER B 175 15.32 5.54 -11.78
N ALA B 176 14.79 4.38 -11.35
CA ALA B 176 13.89 3.49 -12.09
C ALA B 176 12.72 2.99 -11.20
N GLN B 177 12.60 3.54 -9.98
CA GLN B 177 11.53 3.27 -9.01
C GLN B 177 11.38 1.77 -8.69
N LEU B 178 12.51 1.08 -8.60
CA LEU B 178 12.60 -0.36 -8.39
C LEU B 178 11.80 -0.94 -7.21
N ASP B 179 11.65 -0.14 -6.13
CA ASP B 179 10.93 -0.58 -4.92
C ASP B 179 9.41 -0.44 -4.96
N ARG B 180 8.86 0.30 -5.95
CA ARG B 180 7.41 0.60 -6.03
C ARG B 180 6.71 -0.04 -7.24
N THR B 181 7.49 -0.62 -8.15
CA THR B 181 6.98 -1.17 -9.42
C THR B 181 6.56 -2.62 -9.37
N VAL B 182 7.27 -3.43 -8.58
CA VAL B 182 6.95 -4.85 -8.44
C VAL B 182 6.39 -5.14 -7.04
N GLY B 183 6.03 -6.40 -6.80
CA GLY B 183 5.49 -6.79 -5.49
C GLY B 183 4.00 -6.50 -5.41
N ARG B 184 3.33 -7.06 -4.39
CA ARG B 184 1.88 -6.92 -4.27
C ARG B 184 1.29 -5.50 -4.06
N ARG B 185 2.00 -4.65 -3.29
CA ARG B 185 1.55 -3.30 -3.04
C ARG B 185 1.83 -2.28 -4.18
N ASN B 186 2.29 -2.75 -5.35
CA ASN B 186 2.62 -1.93 -6.51
C ASN B 186 1.48 -1.13 -7.11
N THR B 187 0.32 -1.77 -7.29
CA THR B 187 -0.94 -1.27 -7.90
C THR B 187 -1.73 -0.27 -7.07
N PHE B 188 -1.25 0.00 -5.84
CA PHE B 188 -1.84 0.90 -4.87
C PHE B 188 -1.39 2.32 -5.08
N ILE B 189 -2.33 3.26 -5.06
CA ILE B 189 -2.11 4.71 -5.15
C ILE B 189 -1.06 5.23 -4.13
N GLY B 190 -1.10 4.68 -2.89
CA GLY B 190 -0.18 5.03 -1.82
C GLY B 190 -0.70 6.19 -1.00
N THR B 191 0.14 6.76 -0.10
CA THR B 191 -0.27 7.87 0.74
C THR B 191 -0.27 9.21 -0.04
N PRO B 192 -1.35 10.02 0.02
CA PRO B 192 -1.39 11.26 -0.77
C PRO B 192 -0.74 12.52 -0.17
N TYR B 193 -0.57 12.57 1.15
CA TYR B 193 -0.14 13.72 1.93
C TYR B 193 1.07 14.57 1.49
N TRP B 194 2.09 13.94 0.88
CA TRP B 194 3.32 14.61 0.43
C TRP B 194 3.33 14.84 -1.09
N MET B 195 2.26 14.38 -1.80
CA MET B 195 2.16 14.46 -3.26
C MET B 195 2.01 15.89 -3.73
N ALA B 196 2.89 16.29 -4.66
CA ALA B 196 2.81 17.60 -5.28
C ALA B 196 1.48 17.65 -6.07
N PRO B 197 0.81 18.82 -6.18
CA PRO B 197 -0.46 18.88 -6.94
C PRO B 197 -0.42 18.27 -8.34
N GLU B 198 0.74 18.35 -9.03
CA GLU B 198 0.94 17.88 -10.40
C GLU B 198 0.95 16.41 -10.59
N VAL B 199 1.23 15.65 -9.53
CA VAL B 199 1.31 14.18 -9.60
C VAL B 199 -0.09 13.54 -9.42
N ILE B 200 -1.10 14.35 -9.05
CA ILE B 200 -2.50 13.96 -8.87
C ILE B 200 -3.29 14.43 -10.06
N ALA B 201 -3.84 13.49 -10.84
CA ALA B 201 -4.62 13.81 -12.03
C ALA B 201 -6.04 14.22 -11.71
N CYS B 202 -6.49 15.30 -12.35
CA CYS B 202 -7.84 15.87 -12.28
C CYS B 202 -8.14 16.48 -13.66
N ASP B 203 -9.28 17.18 -13.82
CA ASP B 203 -9.58 17.90 -15.08
C ASP B 203 -8.60 19.09 -15.02
N GLU B 204 -7.89 19.40 -16.13
CA GLU B 204 -6.82 20.43 -16.20
C GLU B 204 -5.39 19.85 -16.04
N ASN B 205 -5.28 18.67 -15.40
CA ASN B 205 -4.04 17.91 -15.29
C ASN B 205 -4.37 16.43 -15.63
N PRO B 206 -4.73 16.08 -16.89
CA PRO B 206 -5.13 14.69 -17.17
C PRO B 206 -3.99 13.68 -17.21
N ASP B 207 -2.81 14.08 -17.71
CA ASP B 207 -1.68 13.14 -17.82
C ASP B 207 -0.63 13.22 -16.72
N ALA B 208 -1.01 13.88 -15.58
CA ALA B 208 -0.26 14.08 -14.34
C ALA B 208 1.19 13.62 -14.35
N THR B 209 2.11 14.56 -14.65
CA THR B 209 3.54 14.24 -14.76
C THR B 209 4.47 14.73 -13.63
N TYR B 210 5.26 13.77 -13.06
CA TYR B 210 6.31 14.03 -12.06
C TYR B 210 7.41 14.90 -12.70
N ASP B 211 7.78 16.00 -12.01
CA ASP B 211 8.85 16.90 -12.40
C ASP B 211 9.88 16.87 -11.26
N TYR B 212 11.07 17.44 -11.49
CA TYR B 212 12.14 17.53 -10.47
C TYR B 212 11.60 18.36 -9.32
N ARG B 213 10.82 19.38 -9.67
CA ARG B 213 10.18 20.31 -8.75
C ARG B 213 9.11 19.67 -7.83
N SER B 214 8.68 18.43 -8.13
CA SER B 214 7.71 17.70 -7.30
C SER B 214 8.33 17.36 -5.96
N ASP B 215 9.65 17.04 -5.99
CA ASP B 215 10.47 16.72 -4.82
C ASP B 215 10.61 17.99 -3.92
N LEU B 216 10.48 19.19 -4.50
CA LEU B 216 10.57 20.42 -3.73
C LEU B 216 9.29 20.68 -2.91
N TRP B 217 8.11 20.41 -3.49
CA TRP B 217 6.81 20.48 -2.80
C TRP B 217 6.88 19.51 -1.60
N SER B 218 7.16 18.20 -1.87
CA SER B 218 7.30 17.11 -0.91
C SER B 218 8.26 17.51 0.20
N CYS B 219 9.37 18.17 -0.16
CA CYS B 219 10.34 18.69 0.81
C CYS B 219 9.69 19.73 1.73
N GLY B 220 8.91 20.64 1.15
CA GLY B 220 8.18 21.66 1.92
C GLY B 220 7.18 21.05 2.90
N ILE B 221 6.45 20.01 2.45
CA ILE B 221 5.50 19.24 3.27
C ILE B 221 6.27 18.51 4.39
N THR B 222 7.47 17.97 4.09
CA THR B 222 8.34 17.31 5.07
C THR B 222 8.78 18.33 6.16
N ALA B 223 8.92 19.60 5.77
CA ALA B 223 9.30 20.63 6.71
C ALA B 223 8.11 20.97 7.61
N ILE B 224 6.87 20.92 7.07
CA ILE B 224 5.66 21.14 7.86
C ILE B 224 5.53 19.95 8.81
N GLU B 225 5.79 18.73 8.31
CA GLU B 225 5.78 17.48 9.08
C GLU B 225 6.73 17.63 10.28
N MET B 226 7.97 18.10 10.02
CA MET B 226 8.97 18.35 11.05
C MET B 226 8.51 19.40 12.05
N ALA B 227 7.78 20.43 11.57
CA ALA B 227 7.30 21.53 12.41
C ALA B 227 6.09 21.21 13.27
N GLU B 228 5.10 20.52 12.70
CA GLU B 228 3.83 20.22 13.39
C GLU B 228 3.63 18.76 13.83
N GLY B 229 4.53 17.87 13.41
CA GLY B 229 4.46 16.46 13.79
C GLY B 229 3.77 15.54 12.80
N ALA B 230 3.11 16.14 11.75
CA ALA B 230 2.34 15.46 10.71
C ALA B 230 2.11 16.37 9.48
N PRO B 231 1.85 15.81 8.28
CA PRO B 231 1.66 16.68 7.11
C PRO B 231 0.30 17.38 7.03
N PRO B 232 0.20 18.49 6.24
CA PRO B 232 -1.09 19.15 6.05
C PRO B 232 -2.04 18.15 5.41
N LEU B 233 -3.18 18.05 6.06
CA LEU B 233 -4.36 17.24 5.76
C LEU B 233 -4.41 15.84 6.36
N CYS B 234 -3.52 15.54 7.32
CA CYS B 234 -3.44 14.26 8.05
C CYS B 234 -4.81 13.78 8.64
N ASP B 235 -5.68 14.74 9.00
CA ASP B 235 -7.02 14.53 9.56
C ASP B 235 -8.09 14.07 8.56
N MET B 236 -7.79 14.19 7.26
CA MET B 236 -8.67 13.81 6.14
C MET B 236 -8.50 12.35 5.75
N HIS B 237 -9.59 11.73 5.27
CA HIS B 237 -9.52 10.39 4.70
C HIS B 237 -8.55 10.51 3.49
N PRO B 238 -7.62 9.55 3.25
CA PRO B 238 -6.67 9.72 2.13
C PRO B 238 -7.26 10.13 0.78
N MET B 239 -8.47 9.64 0.44
CA MET B 239 -9.17 9.98 -0.80
C MET B 239 -9.55 11.44 -0.84
N ARG B 240 -10.03 11.98 0.31
CA ARG B 240 -10.43 13.39 0.48
C ARG B 240 -9.22 14.33 0.33
N ALA B 241 -8.07 13.93 0.89
CA ALA B 241 -6.81 14.66 0.81
C ALA B 241 -6.33 14.66 -0.64
N LEU B 242 -6.41 13.51 -1.32
CA LEU B 242 -6.03 13.38 -2.73
C LEU B 242 -6.77 14.40 -3.56
N PHE B 243 -8.10 14.50 -3.37
CA PHE B 243 -8.99 15.48 -4.00
C PHE B 243 -8.59 16.93 -3.68
N LEU B 244 -8.28 17.24 -2.38
CA LEU B 244 -7.97 18.59 -1.91
C LEU B 244 -6.61 19.18 -2.28
N ILE B 245 -5.51 18.37 -2.30
CA ILE B 245 -4.17 18.87 -2.68
C ILE B 245 -4.16 19.75 -3.97
N PRO B 246 -4.72 19.32 -5.13
CA PRO B 246 -4.71 20.18 -6.31
C PRO B 246 -5.71 21.35 -6.29
N ARG B 247 -6.65 21.38 -5.34
CA ARG B 247 -7.67 22.44 -5.26
C ARG B 247 -7.37 23.47 -4.16
N ASN B 248 -6.94 23.00 -2.98
CA ASN B 248 -6.66 23.88 -1.86
C ASN B 248 -5.48 24.81 -2.13
N PRO B 249 -5.55 26.08 -1.64
CA PRO B 249 -4.38 26.97 -1.80
C PRO B 249 -3.19 26.36 -1.03
N PRO B 250 -1.94 26.71 -1.34
CA PRO B 250 -0.82 26.07 -0.64
C PRO B 250 -0.95 25.98 0.86
N PRO B 251 -0.61 24.79 1.41
CA PRO B 251 -0.64 24.61 2.87
C PRO B 251 0.26 25.64 3.57
N ARG B 252 -0.14 26.02 4.79
CA ARG B 252 0.53 26.98 5.64
C ARG B 252 0.83 26.41 7.03
N LEU B 253 1.83 26.98 7.70
CA LEU B 253 2.17 26.58 9.06
C LEU B 253 1.07 27.14 9.94
N LYS B 254 0.55 26.31 10.87
CA LYS B 254 -0.54 26.67 11.77
C LYS B 254 -0.15 27.82 12.72
N SER B 255 0.99 27.66 13.42
CA SER B 255 1.51 28.64 14.39
C SER B 255 2.03 29.91 13.75
N LYS B 256 2.08 30.98 14.57
CA LYS B 256 2.60 32.28 14.18
C LYS B 256 4.02 32.43 14.73
N LYS B 257 4.40 31.51 15.68
CA LYS B 257 5.70 31.44 16.37
C LYS B 257 6.91 31.42 15.44
N TRP B 258 6.75 30.83 14.25
CA TRP B 258 7.82 30.64 13.28
C TRP B 258 8.40 31.93 12.76
N SER B 259 9.67 31.89 12.34
CA SER B 259 10.38 33.03 11.80
C SER B 259 9.85 33.36 10.41
N LYS B 260 10.09 34.61 9.98
CA LYS B 260 9.69 35.11 8.65
C LYS B 260 10.38 34.31 7.54
N LYS B 261 11.67 33.88 7.77
CA LYS B 261 12.44 33.05 6.85
C LYS B 261 11.79 31.68 6.72
N PHE B 262 11.33 31.07 7.83
CA PHE B 262 10.69 29.75 7.75
C PHE B 262 9.40 29.76 6.92
N PHE B 263 8.43 30.69 7.20
CA PHE B 263 7.19 30.76 6.40
C PHE B 263 7.53 30.98 4.93
N SER B 264 8.57 31.81 4.69
CA SER B 264 9.08 32.16 3.37
C SER B 264 9.57 30.94 2.58
N PHE B 265 10.33 30.08 3.25
CA PHE B 265 10.88 28.85 2.71
C PHE B 265 9.73 27.90 2.35
N ILE B 266 8.78 27.72 3.29
CA ILE B 266 7.59 26.88 3.09
C ILE B 266 6.86 27.39 1.87
N GLU B 267 6.70 28.73 1.74
CA GLU B 267 6.07 29.38 0.60
C GLU B 267 6.75 29.04 -0.71
N GLY B 268 8.07 29.22 -0.76
CA GLY B 268 8.89 28.92 -1.93
C GLY B 268 8.77 27.46 -2.34
N CYS B 269 8.84 26.57 -1.35
CA CYS B 269 8.67 25.13 -1.53
C CYS B 269 7.29 24.82 -2.09
N LEU B 270 6.26 25.47 -1.53
CA LEU B 270 4.89 25.17 -1.86
C LEU B 270 4.22 26.04 -2.90
N VAL B 271 4.97 26.38 -3.96
CA VAL B 271 4.38 27.13 -5.08
C VAL B 271 3.45 26.09 -5.70
N LYS B 272 2.15 26.41 -5.76
CA LYS B 272 1.13 25.49 -6.26
C LYS B 272 1.40 24.99 -7.68
N ASN B 273 1.70 25.90 -8.63
CA ASN B 273 2.01 25.56 -10.04
C ASN B 273 3.50 25.27 -10.18
N TYR B 274 3.86 23.99 -10.48
CA TYR B 274 5.27 23.59 -10.55
C TYR B 274 6.13 24.43 -11.49
N MET B 275 5.51 24.94 -12.57
CA MET B 275 6.13 25.79 -13.59
C MET B 275 6.76 27.05 -13.03
N GLN B 276 6.22 27.52 -11.89
CA GLN B 276 6.67 28.71 -11.19
C GLN B 276 7.29 28.37 -9.81
N ARG B 277 7.58 27.09 -9.58
CA ARG B 277 8.22 26.64 -8.35
C ARG B 277 9.74 26.69 -8.57
N PRO B 278 10.53 27.17 -7.56
CA PRO B 278 11.99 27.29 -7.76
C PRO B 278 12.73 25.96 -7.91
N SER B 279 13.95 26.03 -8.42
CA SER B 279 14.79 24.84 -8.55
C SER B 279 15.37 24.47 -7.19
N THR B 280 15.96 23.27 -7.11
CA THR B 280 16.64 22.84 -5.89
C THR B 280 17.85 23.79 -5.59
N GLU B 281 18.49 24.31 -6.66
CA GLU B 281 19.62 25.22 -6.57
C GLU B 281 19.18 26.59 -5.98
N GLN B 282 18.01 27.08 -6.42
CA GLN B 282 17.43 28.35 -5.97
C GLN B 282 17.08 28.28 -4.50
N LEU B 283 16.53 27.13 -4.05
CA LEU B 283 16.15 26.94 -2.65
C LEU B 283 17.35 26.80 -1.72
N LEU B 284 18.47 26.29 -2.25
CA LEU B 284 19.70 26.16 -1.45
C LEU B 284 20.29 27.52 -1.05
N LYS B 285 19.86 28.60 -1.77
CA LYS B 285 20.26 30.00 -1.56
C LYS B 285 19.20 30.73 -0.69
N HIS B 286 18.06 30.05 -0.34
CA HIS B 286 17.01 30.66 0.48
C HIS B 286 17.58 30.99 1.84
N PRO B 287 17.37 32.22 2.38
CA PRO B 287 17.96 32.58 3.70
C PRO B 287 17.81 31.54 4.83
N PHE B 288 16.66 30.81 4.85
CA PHE B 288 16.40 29.79 5.87
C PHE B 288 17.43 28.67 5.81
N ILE B 289 17.75 28.25 4.57
CA ILE B 289 18.70 27.20 4.29
C ILE B 289 20.16 27.68 4.17
N ARG B 290 20.42 28.83 3.50
CA ARG B 290 21.74 29.42 3.30
C ARG B 290 22.36 29.84 4.66
N ASP B 291 21.64 30.68 5.42
CA ASP B 291 22.05 31.23 6.73
C ASP B 291 21.75 30.28 7.88
N GLN B 292 22.80 29.63 8.39
CA GLN B 292 22.72 28.65 9.47
C GLN B 292 23.95 28.75 10.40
N PRO B 293 23.94 29.70 11.38
CA PRO B 293 25.12 29.86 12.26
C PRO B 293 25.30 28.75 13.29
N ASN B 294 24.16 28.19 13.78
CA ASN B 294 24.10 27.12 14.77
C ASN B 294 24.32 25.71 14.21
N GLU B 295 24.62 25.62 12.89
CA GLU B 295 24.90 24.40 12.11
C GLU B 295 25.68 23.35 12.91
N ARG B 296 26.84 23.75 13.47
CA ARG B 296 27.73 22.90 14.26
C ARG B 296 27.02 22.42 15.53
N GLN B 297 26.42 23.36 16.31
CA GLN B 297 25.70 23.08 17.56
C GLN B 297 24.52 22.13 17.35
N VAL B 298 23.73 22.35 16.27
CA VAL B 298 22.56 21.55 15.87
C VAL B 298 22.96 20.09 15.64
N ARG B 299 24.09 19.86 14.94
CA ARG B 299 24.64 18.54 14.66
C ARG B 299 24.95 17.81 15.97
N ILE B 300 25.53 18.55 16.95
CA ILE B 300 25.83 18.07 18.31
C ILE B 300 24.51 17.76 19.02
N GLN B 301 23.50 18.65 18.89
CA GLN B 301 22.17 18.49 19.50
C GLN B 301 21.49 17.22 19.00
N LEU B 302 21.58 16.95 17.68
CA LEU B 302 21.00 15.77 17.04
C LEU B 302 21.72 14.51 17.45
N LYS B 303 23.06 14.58 17.53
CA LYS B 303 23.91 13.45 17.93
C LYS B 303 23.54 12.98 19.34
N ASP B 304 23.26 13.92 20.28
CA ASP B 304 22.88 13.60 21.65
C ASP B 304 21.51 12.93 21.78
N HIS B 305 20.55 13.31 20.92
CA HIS B 305 19.22 12.72 20.86
C HIS B 305 19.34 11.27 20.38
N ILE B 306 20.27 11.03 19.43
CA ILE B 306 20.60 9.71 18.86
C ILE B 306 21.20 8.84 19.98
N ASP B 307 22.13 9.43 20.79
CA ASP B 307 22.80 8.81 21.95
C ASP B 307 21.79 8.27 22.97
N ARG B 308 20.60 8.90 23.01
CA ARG B 308 19.44 8.44 23.77
C ARG B 308 18.67 7.52 22.76
N THR B 309 19.19 6.27 22.71
CA THR B 309 18.78 5.14 21.89
C THR B 309 17.46 4.58 22.40
C7 5DF C . -5.86 -17.24 1.60
C6 5DF C . -6.77 -16.84 2.71
C9 5DF C . -4.94 -16.80 -0.59
C8 5DF C . -5.73 -16.41 0.47
C18 5DF C . -7.85 -12.13 6.44
C16 5DF C . -8.18 -11.40 4.18
C19 5DF C . -7.77 -13.45 6.01
C1 5DF C . -6.87 -15.50 3.13
C2 5DF C . -7.76 -15.17 4.18
C3 5DF C . -8.55 -16.20 4.74
N4 5DF C . -8.45 -17.46 4.29
C5 5DF C . -7.60 -17.81 3.33
C10 5DF C . -4.23 -18.01 -0.53
C11 5DF C . -4.36 -18.84 0.59
C12 5DF C . -5.20 -18.48 1.63
N13 5DF C . -9.51 -15.93 5.73
C14 5DF C . -7.87 -13.75 4.65
C15 5DF C . -8.04 -12.70 3.73
C17 5DF C . -8.11 -11.11 5.53
S20 5DF C . -8.30 -9.43 6.11
O21 5DF C . -7.03 -9.07 6.59
O22 5DF C . -8.89 -8.73 5.01
C23 5DF C . -9.49 -9.54 7.49
O24 5DF C . -3.43 -18.38 -1.55
H28 5DF C . -4.83 -16.16 -1.44
H27 5DF C . -6.28 -15.48 0.42
H35 5DF C . -7.82 -11.91 7.49
H34 5DF C . -8.36 -10.61 3.47
H36 5DF C . -7.61 -14.22 6.73
H25 5DF C . -6.24 -14.74 2.69
H26 5DF C . -7.57 -18.83 3.00
H29 5DF C . -3.82 -19.78 0.63
H30 5DF C . -5.28 -19.11 2.50
H32 5DF C . -10.06 -15.14 5.66
H31 5DF C . -9.63 -16.55 6.46
H33 5DF C . -8.14 -12.93 2.68
H38 5DF C . -10.20 -8.71 7.43
H39 5DF C . -10.04 -10.48 7.44
H37 5DF C . -8.96 -9.49 8.44
H40 5DF C . -3.89 -18.51 -2.39
#